data_2JLL
#
_entry.id   2JLL
#
_cell.length_a   151.740
_cell.length_b   33.800
_cell.length_c   97.670
_cell.angle_alpha   90.00
_cell.angle_beta   98.36
_cell.angle_gamma   90.00
#
_symmetry.space_group_name_H-M   'C 1 2 1'
#
loop_
_entity.id
_entity.type
_entity.pdbx_description
1 polymer 'NEURAL CELL ADHESION MOLECULE 2'
2 non-polymer 2-acetamido-2-deoxy-beta-D-glucopyranose
3 non-polymer GLYCEROL
4 non-polymer 'CALCIUM ION'
5 water water
#
_entity_poly.entity_id   1
_entity_poly.type   'polypeptide(L)'
_entity_poly.pdbx_seq_one_letter_code
;QPHIIQLKNETTYENGQVTLVCDAEGEPIPEITWKRAVDGFTFTEGDKSLDGRIEVKGQHGSSSLHIKDVKLSDSGRYDC
EAASRIGGHQKSMYLDIEYAPKFISNQTIYYSWEGNPINISCDVKSNPPASIHWRRDKLVLPAKNTTNLKTYSTGRKMIL
EIAPTSDNDFGRYNCTATNHIGTRFQEYILALADVPSSPYGVKIIELSQTTAKVSFNKPDSHGGVPIHHYQVDVKEVASE
IWKIVRSHGVQTMVVLNNLEPNTTYEIRVAAVNGKGQGDYSKIEIFQTLPVREPSPPSIHGQPSSGKSFKLSITKQDDGG
APILEYIVKYRSKDKEDQWLEKKVQGNKDHIILEHLQWTMGYEVQITAANRLGYSEPTVYEFSMPPKPN
;
_entity_poly.pdbx_strand_id   A
#
# COMPACT_ATOMS: atom_id res chain seq x y z
N GLN A 1 42.38 -53.11 -8.86
CA GLN A 1 42.27 -51.73 -8.39
C GLN A 1 41.29 -50.93 -9.23
N PRO A 2 40.05 -50.79 -8.75
CA PRO A 2 38.94 -50.17 -9.49
C PRO A 2 39.31 -48.85 -10.17
N HIS A 3 38.86 -48.67 -11.41
CA HIS A 3 39.10 -47.44 -12.16
C HIS A 3 37.95 -47.21 -13.15
N ILE A 4 37.23 -46.10 -12.97
CA ILE A 4 36.09 -45.78 -13.83
C ILE A 4 36.54 -45.32 -15.21
N ILE A 5 36.04 -46.00 -16.23
CA ILE A 5 36.42 -45.74 -17.62
C ILE A 5 35.40 -44.90 -18.38
N GLN A 6 34.13 -44.97 -17.96
CA GLN A 6 33.09 -44.18 -18.61
C GLN A 6 32.04 -43.69 -17.61
N LEU A 7 31.78 -42.39 -17.64
CA LEU A 7 30.70 -41.79 -16.86
C LEU A 7 30.36 -40.44 -17.48
N LYS A 8 29.50 -40.45 -18.48
CA LYS A 8 29.26 -39.27 -19.31
C LYS A 8 28.15 -38.36 -18.78
N ASN A 9 28.23 -37.07 -19.12
CA ASN A 9 27.15 -36.15 -18.86
C ASN A 9 25.92 -36.58 -19.65
N GLU A 10 24.75 -36.46 -19.07
CA GLU A 10 23.52 -36.78 -19.80
C GLU A 10 22.58 -35.59 -19.90
N THR A 11 21.80 -35.57 -20.97
CA THR A 11 20.75 -34.57 -21.16
C THR A 11 19.44 -35.28 -21.45
N THR A 12 18.36 -34.79 -20.85
CA THR A 12 17.03 -35.34 -21.11
C THR A 12 15.98 -34.22 -21.00
N TYR A 13 14.71 -34.56 -21.21
CA TYR A 13 13.66 -33.54 -21.18
C TYR A 13 12.68 -33.79 -20.04
N GLU A 14 12.07 -32.73 -19.56
CA GLU A 14 11.14 -32.83 -18.44
C GLU A 14 10.03 -33.82 -18.75
N ASN A 15 9.74 -34.71 -17.81
CA ASN A 15 8.70 -35.71 -17.99
C ASN A 15 9.14 -36.91 -18.85
N GLY A 16 10.31 -36.79 -19.47
CA GLY A 16 10.88 -37.91 -20.21
C GLY A 16 11.52 -38.92 -19.25
N GLN A 17 12.55 -39.60 -19.74
CA GLN A 17 13.26 -40.56 -18.91
C GLN A 17 14.73 -40.66 -19.33
N VAL A 18 15.59 -41.09 -18.42
CA VAL A 18 17.02 -41.07 -18.71
C VAL A 18 17.73 -42.25 -18.06
N THR A 19 18.88 -42.61 -18.63
CA THR A 19 19.71 -43.68 -18.07
C THR A 19 21.13 -43.19 -17.83
N LEU A 20 21.56 -43.24 -16.58
CA LEU A 20 22.93 -42.88 -16.25
C LEU A 20 23.76 -44.17 -16.16
N VAL A 21 24.94 -44.16 -16.78
CA VAL A 21 25.76 -45.37 -16.85
C VAL A 21 27.21 -45.16 -16.39
N CYS A 22 27.63 -45.93 -15.39
CA CYS A 22 29.02 -45.92 -14.92
C CYS A 22 29.74 -47.22 -15.31
N ASP A 23 30.82 -47.11 -16.08
CA ASP A 23 31.63 -48.28 -16.45
C ASP A 23 32.97 -48.28 -15.69
N ALA A 24 33.28 -49.38 -15.02
CA ALA A 24 34.50 -49.45 -14.20
C ALA A 24 35.27 -50.77 -14.37
N GLU A 25 36.59 -50.67 -14.50
CA GLU A 25 37.46 -51.84 -14.57
C GLU A 25 37.98 -52.22 -13.20
N GLY A 26 38.63 -53.38 -13.10
CA GLY A 26 39.31 -53.78 -11.88
C GLY A 26 39.14 -55.23 -11.47
N GLU A 27 40.18 -55.79 -10.87
CA GLU A 27 40.15 -57.16 -10.35
C GLU A 27 40.53 -57.14 -8.87
N PRO A 28 39.64 -57.66 -8.01
CA PRO A 28 38.33 -58.26 -8.32
C PRO A 28 37.39 -57.27 -8.98
N ILE A 29 36.31 -57.79 -9.56
CA ILE A 29 35.32 -56.97 -10.24
C ILE A 29 34.69 -55.99 -9.25
N PRO A 30 34.86 -54.69 -9.54
CA PRO A 30 34.40 -53.56 -8.72
C PRO A 30 32.89 -53.57 -8.45
N GLU A 31 32.51 -53.13 -7.26
CA GLU A 31 31.11 -52.91 -6.92
C GLU A 31 30.81 -51.40 -7.07
N ILE A 32 29.59 -51.05 -7.48
CA ILE A 32 29.29 -49.67 -7.84
C ILE A 32 28.09 -49.03 -7.14
N THR A 33 28.28 -47.82 -6.64
CA THR A 33 27.25 -47.11 -5.89
C THR A 33 26.99 -45.69 -6.43
N TRP A 34 25.73 -45.29 -6.50
CA TRP A 34 25.37 -43.95 -6.96
C TRP A 34 24.98 -43.05 -5.80
N LYS A 35 25.44 -41.79 -5.82
CA LYS A 35 24.96 -40.80 -4.87
C LYS A 35 24.43 -39.53 -5.55
N ARG A 36 23.22 -39.12 -5.18
CA ARG A 36 22.64 -37.90 -5.73
C ARG A 36 23.09 -36.69 -4.93
N ALA A 37 23.89 -35.84 -5.58
CA ALA A 37 24.55 -34.72 -4.91
C ALA A 37 23.62 -33.86 -4.05
N VAL A 38 22.45 -33.53 -4.58
CA VAL A 38 21.57 -32.57 -3.93
C VAL A 38 21.19 -32.92 -2.49
N ASP A 39 20.72 -34.14 -2.26
CA ASP A 39 20.30 -34.57 -0.94
C ASP A 39 21.18 -35.70 -0.44
N GLY A 40 22.13 -36.11 -1.28
CA GLY A 40 23.10 -37.11 -0.90
C GLY A 40 22.56 -38.52 -0.79
N PHE A 41 21.40 -38.78 -1.40
CA PHE A 41 20.86 -40.13 -1.39
C PHE A 41 21.76 -41.09 -2.16
N THR A 42 21.77 -42.35 -1.73
CA THR A 42 22.64 -43.35 -2.30
C THR A 42 21.80 -44.46 -2.93
N PHE A 43 22.29 -45.03 -4.02
CA PHE A 43 21.56 -46.08 -4.74
C PHE A 43 22.47 -47.23 -5.16
N THR A 44 21.96 -48.44 -5.03
CA THR A 44 22.58 -49.65 -5.57
C THR A 44 21.48 -50.63 -5.99
N GLU A 45 21.90 -51.81 -6.43
CA GLU A 45 20.98 -52.84 -6.92
C GLU A 45 19.65 -52.89 -6.17
N LYS A 48 15.16 -49.97 -5.00
CA LYS A 48 14.11 -48.98 -4.76
C LYS A 48 13.87 -48.15 -6.03
N SER A 49 13.27 -46.95 -5.96
CA SER A 49 12.94 -46.24 -4.73
C SER A 49 11.44 -46.10 -4.46
N LEU A 50 11.12 -45.22 -3.52
CA LEU A 50 9.75 -45.01 -3.07
C LEU A 50 8.79 -44.76 -4.21
N ASP A 51 8.82 -43.54 -4.74
CA ASP A 51 7.92 -43.17 -5.84
C ASP A 51 8.07 -44.11 -7.02
N GLY A 52 9.16 -44.88 -7.03
CA GLY A 52 9.39 -45.88 -8.06
C GLY A 52 9.85 -45.30 -9.39
N ARG A 53 10.15 -44.01 -9.39
CA ARG A 53 10.60 -43.36 -10.60
C ARG A 53 12.04 -43.73 -10.92
N ILE A 54 12.83 -43.90 -9.86
CA ILE A 54 14.25 -44.20 -10.00
C ILE A 54 14.55 -45.65 -9.59
N GLU A 55 15.25 -46.37 -10.45
CA GLU A 55 15.70 -47.73 -10.15
C GLU A 55 17.10 -47.97 -10.72
N VAL A 56 17.89 -48.78 -10.03
CA VAL A 56 19.26 -49.06 -10.46
C VAL A 56 19.47 -50.53 -10.77
N LYS A 57 20.13 -50.81 -11.89
CA LYS A 57 20.47 -52.19 -12.25
C LYS A 57 21.95 -52.30 -12.61
N GLY A 58 22.59 -53.38 -12.14
CA GLY A 58 24.01 -53.57 -12.34
C GLY A 58 24.32 -54.72 -13.29
N GLN A 59 25.45 -54.63 -13.97
CA GLN A 59 25.81 -55.61 -15.00
C GLN A 59 27.27 -56.02 -14.93
N HIS A 60 27.74 -56.36 -13.72
CA HIS A 60 29.10 -56.84 -13.53
C HIS A 60 30.14 -55.88 -14.13
N GLY A 61 30.66 -54.97 -13.31
CA GLY A 61 31.65 -54.00 -13.77
C GLY A 61 31.03 -52.77 -14.41
N SER A 62 29.70 -52.71 -14.38
CA SER A 62 28.97 -51.60 -14.98
C SER A 62 27.64 -51.41 -14.27
N SER A 63 27.24 -50.16 -14.07
CA SER A 63 25.95 -49.87 -13.45
C SER A 63 25.15 -48.87 -14.27
N SER A 64 23.84 -48.89 -14.07
CA SER A 64 22.97 -47.98 -14.76
C SER A 64 21.91 -47.52 -13.80
N LEU A 65 21.67 -46.22 -13.81
CA LEU A 65 20.65 -45.62 -12.99
C LEU A 65 19.62 -45.03 -13.94
N HIS A 66 18.37 -45.43 -13.77
CA HIS A 66 17.30 -45.06 -14.69
C HIS A 66 16.20 -44.30 -13.98
N ILE A 67 15.84 -43.13 -14.50
CA ILE A 67 14.73 -42.38 -13.96
C ILE A 67 13.64 -42.28 -15.02
N LYS A 68 12.41 -42.49 -14.59
CA LYS A 68 11.26 -42.25 -15.44
C LYS A 68 10.50 -41.02 -14.92
N ASP A 69 9.81 -40.33 -15.81
CA ASP A 69 8.99 -39.18 -15.41
C ASP A 69 9.86 -38.09 -14.79
N VAL A 70 10.95 -37.76 -15.48
CA VAL A 70 11.93 -36.79 -15.00
C VAL A 70 11.32 -35.46 -14.53
N LYS A 71 11.67 -35.05 -13.31
CA LYS A 71 11.33 -33.74 -12.78
C LYS A 71 12.55 -32.83 -12.84
N LEU A 72 12.33 -31.52 -12.84
CA LEU A 72 13.43 -30.56 -12.92
C LEU A 72 14.39 -30.68 -11.74
N SER A 73 13.90 -31.23 -10.64
CA SER A 73 14.73 -31.46 -9.46
C SER A 73 15.63 -32.69 -9.60
N ASP A 74 15.61 -33.34 -10.76
CA ASP A 74 16.50 -34.47 -10.98
C ASP A 74 17.83 -33.98 -11.53
N SER A 75 17.85 -32.72 -11.97
CA SER A 75 19.05 -32.18 -12.59
C SER A 75 20.13 -31.97 -11.55
N GLY A 76 21.36 -31.84 -12.01
CA GLY A 76 22.47 -31.65 -11.10
C GLY A 76 23.43 -32.82 -11.13
N ARG A 77 24.37 -32.83 -10.18
CA ARG A 77 25.46 -33.79 -10.16
C ARG A 77 25.04 -35.15 -9.58
N TYR A 78 25.59 -36.20 -10.17
CA TYR A 78 25.46 -37.53 -9.62
C TYR A 78 26.86 -38.12 -9.52
N ASP A 79 27.12 -38.82 -8.41
CA ASP A 79 28.43 -39.39 -8.16
C ASP A 79 28.42 -40.90 -8.30
N CYS A 80 29.37 -41.42 -9.05
CA CYS A 80 29.58 -42.86 -9.13
C CYS A 80 30.84 -43.27 -8.37
N GLU A 81 30.69 -44.18 -7.41
CA GLU A 81 31.85 -44.78 -6.77
C GLU A 81 31.97 -46.28 -7.06
N ALA A 82 33.09 -46.66 -7.68
CA ALA A 82 33.43 -48.06 -7.86
C ALA A 82 34.38 -48.52 -6.73
N ALA A 83 33.88 -49.35 -5.83
CA ALA A 83 34.68 -49.79 -4.67
C ALA A 83 34.87 -51.31 -4.60
N SER A 84 36.02 -51.75 -4.10
CA SER A 84 36.27 -53.16 -3.85
C SER A 84 37.04 -53.37 -2.55
N ARG A 85 37.54 -54.60 -2.36
CA ARG A 85 38.33 -54.91 -1.19
C ARG A 85 39.62 -54.10 -1.17
N ILE A 86 40.23 -53.94 -2.33
CA ILE A 86 41.56 -53.35 -2.41
C ILE A 86 41.59 -51.83 -2.62
N GLY A 87 40.47 -51.26 -3.06
CA GLY A 87 40.43 -49.83 -3.32
C GLY A 87 39.16 -49.30 -3.96
N GLY A 88 39.05 -47.98 -4.00
CA GLY A 88 37.90 -47.31 -4.58
C GLY A 88 38.27 -46.16 -5.51
N HIS A 89 37.40 -45.90 -6.48
CA HIS A 89 37.54 -44.78 -7.39
C HIS A 89 36.19 -44.10 -7.51
N GLN A 90 36.20 -42.78 -7.67
CA GLN A 90 34.94 -42.03 -7.71
C GLN A 90 35.02 -40.92 -8.74
N LYS A 91 33.95 -40.76 -9.52
CA LYS A 91 33.83 -39.61 -10.41
C LYS A 91 32.40 -39.06 -10.41
N SER A 92 32.20 -37.97 -11.14
CA SER A 92 30.94 -37.26 -11.10
C SER A 92 30.44 -36.93 -12.49
N MET A 93 29.13 -36.88 -12.65
CA MET A 93 28.54 -36.38 -13.89
C MET A 93 27.35 -35.49 -13.60
N TYR A 94 26.87 -34.82 -14.65
CA TYR A 94 25.76 -33.90 -14.52
C TYR A 94 24.59 -34.27 -15.41
N LEU A 95 23.40 -34.30 -14.83
CA LEU A 95 22.17 -34.50 -15.60
C LEU A 95 21.49 -33.17 -15.94
N ASP A 96 21.53 -32.80 -17.22
CA ASP A 96 20.88 -31.57 -17.65
C ASP A 96 19.46 -31.85 -18.15
N ILE A 97 18.50 -31.06 -17.69
CA ILE A 97 17.10 -31.27 -18.04
C ILE A 97 16.51 -30.12 -18.87
N GLU A 98 16.08 -30.45 -20.08
CA GLU A 98 15.55 -29.48 -21.02
C GLU A 98 14.03 -29.45 -21.02
N TYR A 99 13.46 -28.31 -21.39
CA TYR A 99 12.00 -28.15 -21.46
C TYR A 99 11.59 -27.01 -22.40
N ALA A 100 10.36 -27.08 -22.89
CA ALA A 100 9.76 -26.00 -23.67
C ALA A 100 9.54 -24.77 -22.78
N PRO A 101 9.66 -23.57 -23.36
CA PRO A 101 9.64 -22.32 -22.59
C PRO A 101 8.45 -22.22 -21.64
N LYS A 102 8.69 -21.69 -20.44
CA LYS A 102 7.63 -21.43 -19.50
C LYS A 102 7.58 -19.92 -19.26
N PHE A 103 6.38 -19.40 -19.11
CA PHE A 103 6.20 -17.97 -18.86
C PHE A 103 5.96 -17.73 -17.37
N ILE A 104 6.77 -16.89 -16.76
CA ILE A 104 6.62 -16.63 -15.33
C ILE A 104 6.20 -15.20 -14.99
N SER A 105 5.73 -14.45 -15.99
CA SER A 105 5.18 -13.11 -15.78
C SER A 105 3.99 -13.12 -14.82
N ASN A 106 4.04 -12.22 -13.82
CA ASN A 106 2.95 -12.13 -12.84
C ASN A 106 1.77 -11.27 -13.29
N GLN A 107 1.91 -10.60 -14.44
CA GLN A 107 0.87 -9.68 -14.92
C GLN A 107 0.65 -9.83 -16.43
N THR A 108 -0.58 -10.13 -16.82
CA THR A 108 -0.91 -10.26 -18.24
C THR A 108 -2.03 -9.32 -18.72
N ILE A 109 -2.65 -8.60 -17.79
CA ILE A 109 -3.60 -7.57 -18.18
C ILE A 109 -3.07 -6.16 -17.84
N TYR A 110 -2.96 -5.31 -18.84
CA TYR A 110 -2.41 -3.97 -18.66
C TYR A 110 -3.40 -2.89 -19.09
N TYR A 111 -3.31 -1.73 -18.45
CA TYR A 111 -4.25 -0.65 -18.72
C TYR A 111 -3.56 0.64 -19.13
N SER A 112 -4.09 1.27 -20.18
CA SER A 112 -3.60 2.57 -20.60
C SER A 112 -4.68 3.34 -21.35
N TRP A 113 -4.29 4.42 -22.01
CA TRP A 113 -5.25 5.24 -22.76
C TRP A 113 -4.54 6.02 -23.87
N GLU A 114 -5.31 6.49 -24.87
CA GLU A 114 -4.73 7.20 -26.00
C GLU A 114 -3.67 8.20 -25.56
N GLY A 115 -2.50 8.14 -26.18
CA GLY A 115 -1.45 9.09 -25.89
C GLY A 115 -0.60 8.78 -24.68
N ASN A 116 -0.87 7.66 -24.01
CA ASN A 116 -0.08 7.24 -22.85
C ASN A 116 0.75 5.98 -23.10
N PRO A 117 2.06 6.15 -23.28
CA PRO A 117 2.96 5.03 -23.59
C PRO A 117 3.05 4.02 -22.45
N ILE A 118 3.00 2.74 -22.79
CA ILE A 118 3.10 1.68 -21.79
C ILE A 118 3.93 0.49 -22.26
N ASN A 119 4.75 -0.02 -21.35
CA ASN A 119 5.60 -1.18 -21.59
C ASN A 119 4.94 -2.43 -21.03
N ILE A 120 4.75 -3.46 -21.86
CA ILE A 120 4.30 -4.75 -21.34
C ILE A 120 5.45 -5.75 -21.34
N SER A 121 5.59 -6.50 -20.25
CA SER A 121 6.76 -7.35 -20.09
C SER A 121 6.43 -8.83 -20.19
N CYS A 122 7.25 -9.55 -20.95
CA CYS A 122 7.13 -10.99 -21.08
C CYS A 122 8.37 -11.62 -20.46
N ASP A 123 8.19 -12.50 -19.49
CA ASP A 123 9.32 -13.11 -18.80
C ASP A 123 9.30 -14.62 -18.99
N VAL A 124 10.43 -15.19 -19.41
CA VAL A 124 10.47 -16.58 -19.81
C VAL A 124 11.67 -17.35 -19.26
N LYS A 125 11.40 -18.48 -18.62
CA LYS A 125 12.45 -19.46 -18.33
C LYS A 125 12.41 -20.62 -19.34
N SER A 126 13.57 -20.97 -19.89
CA SER A 126 13.64 -22.09 -20.84
C SER A 126 15.05 -22.64 -20.95
N ASN A 127 15.16 -23.92 -21.29
CA ASN A 127 16.45 -24.59 -21.48
C ASN A 127 16.34 -25.60 -22.62
N PRO A 128 17.07 -25.36 -23.72
CA PRO A 128 17.98 -24.24 -23.94
C PRO A 128 17.23 -22.93 -24.05
N PRO A 129 17.96 -21.80 -24.05
CA PRO A 129 17.36 -20.46 -24.19
C PRO A 129 16.44 -20.37 -25.40
N ALA A 130 15.33 -19.64 -25.27
CA ALA A 130 14.36 -19.52 -26.35
C ALA A 130 14.61 -18.29 -27.20
N SER A 131 14.06 -18.30 -28.41
CA SER A 131 13.93 -17.10 -29.20
C SER A 131 12.51 -16.62 -28.99
N ILE A 132 12.36 -15.32 -28.77
CA ILE A 132 11.12 -14.76 -28.26
C ILE A 132 10.64 -13.66 -29.18
N HIS A 133 9.35 -13.67 -29.49
CA HIS A 133 8.77 -12.61 -30.31
C HIS A 133 7.37 -12.24 -29.84
N TRP A 134 7.06 -10.96 -29.96
CA TRP A 134 5.71 -10.47 -29.78
C TRP A 134 5.01 -10.52 -31.12
N ARG A 135 3.74 -10.92 -31.13
CA ARG A 135 2.99 -10.96 -32.37
C ARG A 135 1.47 -10.84 -32.22
N ARG A 136 0.82 -10.48 -33.32
CA ARG A 136 -0.63 -10.50 -33.45
C ARG A 136 -1.03 -11.36 -34.65
N ASP A 137 -1.71 -12.47 -34.39
CA ASP A 137 -2.08 -13.39 -35.46
C ASP A 137 -0.90 -13.67 -36.38
N LYS A 138 0.15 -14.27 -35.84
CA LYS A 138 1.31 -14.68 -36.64
C LYS A 138 2.11 -13.51 -37.23
N LEU A 139 1.80 -12.29 -36.84
CA LEU A 139 2.56 -11.13 -37.32
C LEU A 139 3.50 -10.59 -36.23
N VAL A 140 4.80 -10.67 -36.47
CA VAL A 140 5.80 -10.21 -35.51
C VAL A 140 5.83 -8.70 -35.38
N LEU A 141 5.97 -8.22 -34.15
CA LEU A 141 5.86 -6.79 -33.87
C LEU A 141 7.15 -6.22 -33.30
N PRO A 142 7.51 -5.01 -33.73
CA PRO A 142 6.77 -4.20 -34.71
C PRO A 142 6.94 -4.72 -36.13
N ALA A 143 5.90 -4.56 -36.95
CA ALA A 143 6.06 -4.68 -38.39
C ALA A 143 6.31 -3.29 -38.95
N LYS A 144 6.73 -3.20 -40.20
CA LYS A 144 7.03 -1.91 -40.81
C LYS A 144 5.82 -0.96 -40.79
N ASN A 145 4.62 -1.52 -40.80
CA ASN A 145 3.40 -0.72 -40.74
C ASN A 145 2.80 -0.50 -39.34
N THR A 146 3.62 -0.65 -38.29
CA THR A 146 3.18 -0.35 -36.92
C THR A 146 4.21 0.52 -36.25
N THR A 147 4.27 1.77 -36.66
CA THR A 147 5.30 2.70 -36.22
C THR A 147 5.21 3.05 -34.74
N ASN A 148 4.05 2.81 -34.12
CA ASN A 148 3.89 3.11 -32.70
C ASN A 148 4.32 1.97 -31.76
N LEU A 149 4.90 0.90 -32.31
CA LEU A 149 5.36 -0.24 -31.51
C LEU A 149 6.87 -0.40 -31.57
N LYS A 150 7.45 -0.83 -30.47
CA LYS A 150 8.88 -1.15 -30.41
C LYS A 150 9.07 -2.29 -29.43
N THR A 151 10.07 -3.14 -29.67
CA THR A 151 10.36 -4.19 -28.73
C THR A 151 11.79 -4.09 -28.23
N TYR A 152 11.99 -4.39 -26.95
CA TYR A 152 13.31 -4.37 -26.33
C TYR A 152 13.60 -5.72 -25.69
N SER A 153 14.86 -6.11 -25.68
CA SER A 153 15.29 -7.25 -24.87
C SER A 153 16.26 -6.73 -23.80
N THR A 154 16.06 -7.17 -22.55
CA THR A 154 16.90 -6.69 -21.46
C THR A 154 17.78 -7.81 -20.90
N GLY A 155 17.60 -9.02 -21.42
CA GLY A 155 18.30 -10.17 -20.90
C GLY A 155 17.29 -11.13 -20.31
N ARG A 156 16.65 -10.71 -19.23
CA ARG A 156 15.67 -11.57 -18.57
C ARG A 156 14.22 -11.24 -18.95
N LYS A 157 14.03 -10.20 -19.76
CA LYS A 157 12.69 -9.80 -20.18
C LYS A 157 12.59 -9.44 -21.67
N MET A 158 11.39 -9.63 -22.22
CA MET A 158 11.07 -9.15 -23.54
C MET A 158 9.96 -8.11 -23.44
N ILE A 159 10.25 -6.88 -23.86
CA ILE A 159 9.33 -5.78 -23.66
C ILE A 159 8.67 -5.28 -24.94
N LEU A 160 7.34 -5.15 -24.91
CA LEU A 160 6.60 -4.49 -25.99
C LEU A 160 6.14 -3.11 -25.55
N GLU A 161 6.66 -2.08 -26.21
CA GLU A 161 6.31 -0.71 -25.87
C GLU A 161 5.21 -0.21 -26.81
N ILE A 162 4.07 0.14 -26.24
CA ILE A 162 2.96 0.62 -27.04
C ILE A 162 2.65 2.09 -26.76
N ALA A 163 2.67 2.90 -27.80
CA ALA A 163 2.15 4.26 -27.73
C ALA A 163 0.73 4.26 -28.27
N PRO A 164 -0.26 4.09 -27.39
CA PRO A 164 -1.64 3.90 -27.83
C PRO A 164 -2.17 5.14 -28.54
N THR A 165 -2.83 4.93 -29.67
CA THR A 165 -3.36 6.01 -30.47
C THR A 165 -4.38 5.48 -31.46
N SER A 166 -5.43 4.87 -30.92
CA SER A 166 -6.47 4.22 -31.70
C SER A 166 -7.05 3.14 -30.83
N ASP A 167 -8.37 2.90 -30.95
CA ASP A 167 -8.97 1.79 -30.25
C ASP A 167 -8.49 0.46 -30.83
N ASN A 168 -7.50 0.53 -31.71
CA ASN A 168 -6.90 -0.65 -32.31
C ASN A 168 -5.62 -1.09 -31.61
N ASP A 169 -4.94 -0.15 -30.96
CA ASP A 169 -3.77 -0.45 -30.16
C ASP A 169 -4.15 -1.20 -28.88
N PHE A 170 -5.44 -1.26 -28.61
CA PHE A 170 -5.93 -1.99 -27.43
C PHE A 170 -6.38 -3.36 -27.86
N GLY A 171 -6.21 -4.34 -26.99
CA GLY A 171 -6.57 -5.70 -27.31
C GLY A 171 -5.51 -6.72 -26.91
N ARG A 172 -5.55 -7.88 -27.56
CA ARG A 172 -4.70 -9.01 -27.20
C ARG A 172 -3.38 -8.99 -27.96
N TYR A 173 -2.30 -9.37 -27.27
CA TYR A 173 -0.99 -9.55 -27.88
C TYR A 173 -0.40 -10.89 -27.40
N ASN A 174 0.19 -11.66 -28.31
CA ASN A 174 0.88 -12.89 -27.91
C ASN A 174 2.38 -12.68 -27.75
N CYS A 175 2.93 -13.22 -26.68
CA CYS A 175 4.37 -13.40 -26.59
C CYS A 175 4.62 -14.87 -26.86
N THR A 176 5.45 -15.18 -27.84
CA THR A 176 5.71 -16.56 -28.23
C THR A 176 7.19 -16.88 -28.08
N ALA A 177 7.47 -18.01 -27.46
CA ALA A 177 8.84 -18.42 -27.26
C ALA A 177 9.04 -19.82 -27.84
N THR A 178 10.15 -20.02 -28.53
CA THR A 178 10.44 -21.36 -29.03
C THR A 178 11.90 -21.77 -28.84
N ASN A 179 12.08 -23.03 -28.45
CA ASN A 179 13.38 -23.68 -28.51
C ASN A 179 13.18 -25.05 -29.16
N HIS A 180 14.18 -25.93 -29.09
CA HIS A 180 14.09 -27.17 -29.86
C HIS A 180 13.06 -28.14 -29.31
N ILE A 181 12.65 -27.93 -28.05
CA ILE A 181 11.56 -28.73 -27.49
C ILE A 181 10.21 -28.28 -28.05
N GLY A 182 10.06 -26.99 -28.34
CA GLY A 182 8.83 -26.50 -28.94
C GLY A 182 8.50 -25.02 -28.77
N THR A 183 7.33 -24.64 -29.28
CA THR A 183 6.86 -23.27 -29.21
C THR A 183 5.75 -23.16 -28.17
N ARG A 184 5.86 -22.19 -27.28
CA ARG A 184 4.81 -21.90 -26.32
C ARG A 184 4.48 -20.41 -26.36
N PHE A 185 3.34 -20.04 -25.81
CA PHE A 185 2.92 -18.64 -25.86
C PHE A 185 2.09 -18.22 -24.66
N GLN A 186 2.08 -16.91 -24.42
CA GLN A 186 1.27 -16.34 -23.36
C GLN A 186 0.51 -15.14 -23.95
N GLU A 187 -0.80 -15.11 -23.75
CA GLU A 187 -1.60 -14.01 -24.27
C GLU A 187 -1.70 -12.87 -23.26
N TYR A 188 -1.41 -11.67 -23.73
CA TYR A 188 -1.52 -10.46 -22.92
C TYR A 188 -2.70 -9.60 -23.38
N ILE A 189 -3.24 -8.79 -22.49
CA ILE A 189 -4.29 -7.84 -22.84
C ILE A 189 -3.91 -6.41 -22.52
N LEU A 190 -4.05 -5.52 -23.49
CA LEU A 190 -3.96 -4.08 -23.22
C LEU A 190 -5.36 -3.52 -23.25
N ALA A 191 -5.83 -3.03 -22.11
CA ALA A 191 -7.20 -2.53 -22.04
C ALA A 191 -7.26 -1.03 -21.80
N LEU A 192 -8.36 -0.43 -22.27
CA LEU A 192 -8.60 1.00 -22.12
C LEU A 192 -8.99 1.30 -20.68
N ALA A 193 -8.16 2.10 -20.01
CA ALA A 193 -8.47 2.55 -18.66
C ALA A 193 -9.63 3.54 -18.70
N ASP A 194 -10.28 3.69 -17.55
CA ASP A 194 -11.39 4.61 -17.40
C ASP A 194 -11.08 5.47 -16.19
N VAL A 195 -11.78 6.59 -16.05
CA VAL A 195 -11.71 7.35 -14.79
C VAL A 195 -12.51 6.61 -13.72
N PRO A 196 -12.23 6.88 -12.44
CA PRO A 196 -12.93 6.20 -11.33
C PRO A 196 -14.43 6.46 -11.31
N SER A 197 -15.17 5.54 -10.71
CA SER A 197 -16.60 5.73 -10.52
C SER A 197 -16.85 6.61 -9.29
N SER A 198 -18.12 6.83 -8.97
CA SER A 198 -18.47 7.74 -7.87
C SER A 198 -18.05 7.20 -6.51
N PRO A 199 -17.39 8.04 -5.70
CA PRO A 199 -17.31 7.75 -4.27
C PRO A 199 -18.73 7.80 -3.71
N TYR A 200 -19.00 7.10 -2.62
CA TYR A 200 -20.36 7.08 -2.07
C TYR A 200 -20.37 7.00 -0.54
N GLY A 201 -21.57 7.01 0.03
CA GLY A 201 -21.70 7.00 1.48
C GLY A 201 -20.94 8.16 2.09
N VAL A 202 -21.14 9.35 1.52
CA VAL A 202 -20.44 10.54 1.96
C VAL A 202 -21.10 11.11 3.21
N LYS A 203 -20.27 11.41 4.22
CA LYS A 203 -20.79 11.88 5.49
C LYS A 203 -19.96 13.02 6.07
N ILE A 204 -20.63 13.93 6.76
CA ILE A 204 -19.95 14.96 7.54
C ILE A 204 -19.79 14.46 8.95
N ILE A 205 -18.61 13.95 9.28
CA ILE A 205 -18.42 13.24 10.54
C ILE A 205 -17.75 14.07 11.63
N GLU A 206 -17.45 15.32 11.31
CA GLU A 206 -17.00 16.30 12.31
C GLU A 206 -17.34 17.69 11.82
N LEU A 207 -17.78 18.56 12.72
CA LEU A 207 -18.28 19.86 12.33
C LEU A 207 -18.04 20.93 13.40
N SER A 208 -17.59 22.10 12.98
CA SER A 208 -17.31 23.19 13.90
C SER A 208 -17.84 24.51 13.34
N GLN A 209 -17.24 25.62 13.74
CA GLN A 209 -17.65 26.91 13.18
C GLN A 209 -16.99 27.16 11.83
N THR A 210 -15.73 26.78 11.69
CA THR A 210 -14.98 27.13 10.49
C THR A 210 -14.34 25.92 9.81
N THR A 211 -14.65 24.73 10.30
CA THR A 211 -14.08 23.52 9.73
C THR A 211 -15.09 22.35 9.72
N ALA A 212 -14.80 21.35 8.88
CA ALA A 212 -15.58 20.12 8.85
C ALA A 212 -14.76 19.01 8.19
N LYS A 213 -14.97 17.78 8.66
CA LYS A 213 -14.29 16.62 8.08
C LYS A 213 -15.30 15.77 7.35
N VAL A 214 -15.00 15.47 6.10
CA VAL A 214 -15.91 14.67 5.29
C VAL A 214 -15.31 13.27 5.16
N SER A 215 -16.18 12.27 5.24
CA SER A 215 -15.78 10.89 5.18
C SER A 215 -16.59 10.20 4.09
N PHE A 216 -15.98 9.23 3.41
CA PHE A 216 -16.67 8.56 2.32
C PHE A 216 -16.07 7.18 2.01
N ASN A 217 -16.78 6.41 1.20
CA ASN A 217 -16.29 5.14 0.68
C ASN A 217 -15.61 5.33 -0.67
N LYS A 218 -14.58 4.53 -0.95
CA LYS A 218 -13.90 4.60 -2.23
C LYS A 218 -14.77 3.98 -3.34
N PRO A 219 -14.54 4.38 -4.59
CA PRO A 219 -15.37 3.87 -5.68
C PRO A 219 -15.23 2.35 -5.85
N ASP A 220 -16.27 1.71 -6.37
CA ASP A 220 -16.23 0.27 -6.60
C ASP A 220 -15.41 -0.03 -7.84
N SER A 221 -15.08 1.02 -8.59
CA SER A 221 -14.24 0.89 -9.77
C SER A 221 -13.18 1.99 -9.82
N HIS A 222 -11.90 1.59 -9.89
CA HIS A 222 -10.83 2.56 -10.01
C HIS A 222 -10.50 2.84 -11.47
N GLY A 223 -11.18 2.13 -12.36
CA GLY A 223 -11.02 2.35 -13.78
C GLY A 223 -9.84 1.64 -14.43
N GLY A 224 -9.11 0.84 -13.66
CA GLY A 224 -8.01 0.06 -14.21
C GLY A 224 -6.63 0.58 -13.87
N VAL A 225 -6.55 1.85 -13.44
CA VAL A 225 -5.30 2.41 -12.91
C VAL A 225 -5.58 3.07 -11.56
N PRO A 226 -4.60 3.03 -10.64
CA PRO A 226 -4.83 3.35 -9.22
C PRO A 226 -5.29 4.79 -8.99
N ILE A 227 -6.22 4.98 -8.07
CA ILE A 227 -6.61 6.31 -7.64
C ILE A 227 -5.39 7.02 -7.05
N HIS A 228 -5.21 8.29 -7.40
CA HIS A 228 -4.06 9.04 -6.89
C HIS A 228 -4.44 9.91 -5.70
N HIS A 229 -5.58 10.58 -5.79
CA HIS A 229 -6.11 11.37 -4.69
C HIS A 229 -7.61 11.62 -4.87
N TYR A 230 -8.20 12.39 -3.96
CA TYR A 230 -9.60 12.74 -4.05
C TYR A 230 -9.77 14.24 -4.14
N GLN A 231 -10.87 14.66 -4.76
CA GLN A 231 -11.18 16.07 -4.87
C GLN A 231 -12.55 16.33 -4.26
N VAL A 232 -12.60 17.24 -3.31
CA VAL A 232 -13.88 17.66 -2.77
C VAL A 232 -14.25 19.05 -3.26
N ASP A 233 -15.36 19.17 -3.98
CA ASP A 233 -15.94 20.48 -4.28
C ASP A 233 -16.82 20.94 -3.12
N VAL A 234 -16.67 22.19 -2.71
CA VAL A 234 -17.46 22.74 -1.62
C VAL A 234 -17.98 24.13 -1.99
N LYS A 235 -19.28 24.35 -1.81
CA LYS A 235 -19.90 25.61 -2.24
C LYS A 235 -21.00 26.09 -1.28
N GLU A 236 -20.95 27.35 -0.90
CA GLU A 236 -22.06 27.96 -0.17
C GLU A 236 -23.30 27.83 -1.05
N VAL A 237 -24.42 27.38 -0.47
CA VAL A 237 -25.63 27.24 -1.27
C VAL A 237 -25.98 28.55 -1.97
N ALA A 238 -25.73 29.65 -1.28
CA ALA A 238 -26.07 30.97 -1.79
C ALA A 238 -25.01 31.51 -2.76
N SER A 239 -23.99 30.72 -3.04
CA SER A 239 -22.93 31.12 -3.96
C SER A 239 -22.97 30.29 -5.23
N GLU A 240 -22.25 30.74 -6.25
CA GLU A 240 -22.20 30.02 -7.52
C GLU A 240 -20.80 29.50 -7.78
N ILE A 241 -19.88 29.83 -6.88
CA ILE A 241 -18.48 29.46 -7.03
C ILE A 241 -18.09 28.26 -6.20
N TRP A 242 -17.70 27.18 -6.86
CA TRP A 242 -17.15 26.03 -6.16
C TRP A 242 -15.67 26.29 -5.82
N LYS A 243 -15.26 25.82 -4.64
CA LYS A 243 -13.85 25.83 -4.26
C LYS A 243 -13.36 24.39 -4.17
N ILE A 244 -12.07 24.18 -4.38
CA ILE A 244 -11.52 22.83 -4.51
C ILE A 244 -10.61 22.47 -3.36
N VAL A 245 -10.78 21.26 -2.85
CA VAL A 245 -9.90 20.74 -1.83
C VAL A 245 -9.40 19.34 -2.22
N ARG A 246 -8.08 19.23 -2.40
CA ARG A 246 -7.47 17.94 -2.73
C ARG A 246 -7.10 17.18 -1.47
N SER A 247 -7.52 15.93 -1.38
CA SER A 247 -7.21 15.09 -0.22
C SER A 247 -5.71 14.86 -0.11
N HIS A 248 -5.28 14.35 1.04
CA HIS A 248 -3.90 13.92 1.21
C HIS A 248 -3.80 12.46 0.83
N GLY A 249 -3.38 12.20 -0.41
CA GLY A 249 -3.25 10.84 -0.89
C GLY A 249 -4.59 10.13 -0.96
N VAL A 250 -4.57 8.83 -0.67
CA VAL A 250 -5.73 7.99 -0.87
C VAL A 250 -6.62 7.87 0.38
N GLN A 251 -6.43 8.79 1.32
CA GLN A 251 -7.29 8.84 2.51
C GLN A 251 -8.74 9.14 2.12
N THR A 252 -9.68 8.34 2.64
CA THR A 252 -11.10 8.60 2.39
C THR A 252 -11.69 9.58 3.41
N MET A 253 -10.87 10.51 3.86
CA MET A 253 -11.35 11.58 4.72
C MET A 253 -10.60 12.87 4.43
N VAL A 254 -11.35 13.96 4.31
CA VAL A 254 -10.79 15.25 3.97
C VAL A 254 -11.29 16.31 4.94
N VAL A 255 -10.38 17.15 5.41
CA VAL A 255 -10.77 18.24 6.30
C VAL A 255 -10.97 19.54 5.55
N LEU A 256 -12.16 20.11 5.70
CA LEU A 256 -12.43 21.39 5.08
C LEU A 256 -12.13 22.50 6.08
N ASN A 257 -11.28 23.44 5.67
CA ASN A 257 -10.90 24.55 6.52
C ASN A 257 -11.50 25.86 6.04
N ASN A 258 -11.44 26.89 6.88
CA ASN A 258 -11.78 28.24 6.46
C ASN A 258 -13.22 28.46 6.04
N LEU A 259 -14.14 27.65 6.55
CA LEU A 259 -15.55 27.85 6.24
C LEU A 259 -16.12 28.99 7.10
N GLU A 260 -17.22 29.60 6.64
CA GLU A 260 -17.89 30.66 7.39
C GLU A 260 -18.90 30.07 8.37
N PRO A 261 -18.96 30.63 9.60
CA PRO A 261 -19.87 30.14 10.64
C PRO A 261 -21.34 30.25 10.23
N ASN A 262 -22.19 29.35 10.75
CA ASN A 262 -23.63 29.41 10.49
C ASN A 262 -23.96 29.48 9.01
N THR A 263 -23.23 28.72 8.21
CA THR A 263 -23.37 28.77 6.76
C THR A 263 -23.70 27.39 6.20
N THR A 264 -24.68 27.34 5.31
CA THR A 264 -25.07 26.09 4.69
C THR A 264 -24.18 25.85 3.47
N TYR A 265 -23.58 24.66 3.42
CA TYR A 265 -22.65 24.30 2.36
C TYR A 265 -23.12 23.07 1.63
N GLU A 266 -22.81 23.00 0.34
CA GLU A 266 -22.98 21.77 -0.42
C GLU A 266 -21.61 21.24 -0.83
N ILE A 267 -21.48 19.93 -0.94
CA ILE A 267 -20.21 19.33 -1.31
C ILE A 267 -20.42 18.09 -2.17
N ARG A 268 -19.40 17.73 -2.92
CA ARG A 268 -19.40 16.49 -3.68
C ARG A 268 -17.95 16.06 -3.87
N VAL A 269 -17.73 14.75 -3.99
CA VAL A 269 -16.39 14.19 -3.98
C VAL A 269 -16.15 13.36 -5.21
N ALA A 270 -14.93 13.40 -5.72
CA ALA A 270 -14.58 12.73 -6.95
C ALA A 270 -13.18 12.17 -6.80
N ALA A 271 -12.96 10.93 -7.25
CA ALA A 271 -11.62 10.37 -7.25
C ALA A 271 -10.89 10.73 -8.53
N VAL A 272 -9.57 10.93 -8.41
CA VAL A 272 -8.73 11.21 -9.56
C VAL A 272 -7.71 10.10 -9.76
N ASN A 273 -7.67 9.52 -10.95
CA ASN A 273 -6.62 8.58 -11.30
C ASN A 273 -5.76 9.14 -12.43
N GLY A 274 -4.82 8.33 -12.93
CA GLY A 274 -3.87 8.80 -13.93
C GLY A 274 -4.52 9.26 -15.21
N LYS A 275 -5.67 8.67 -15.55
CA LYS A 275 -6.38 9.09 -16.74
C LYS A 275 -7.10 10.41 -16.51
N GLY A 276 -7.65 10.61 -15.32
CA GLY A 276 -8.28 11.87 -14.97
C GLY A 276 -9.22 11.84 -13.78
N GLN A 277 -10.16 12.78 -13.75
CA GLN A 277 -11.11 12.92 -12.65
C GLN A 277 -12.33 12.03 -12.85
N GLY A 278 -12.71 11.29 -11.81
CA GLY A 278 -13.85 10.40 -11.87
C GLY A 278 -15.20 11.07 -11.72
N ASP A 279 -16.23 10.24 -11.58
CA ASP A 279 -17.59 10.72 -11.42
C ASP A 279 -17.79 11.27 -10.01
N TYR A 280 -18.64 12.29 -9.90
CA TYR A 280 -18.93 12.93 -8.62
C TYR A 280 -19.92 12.09 -7.83
N SER A 281 -19.81 12.13 -6.51
CA SER A 281 -20.81 11.57 -5.63
C SER A 281 -22.06 12.44 -5.66
N LYS A 282 -23.15 11.95 -5.06
CA LYS A 282 -24.31 12.78 -4.80
C LYS A 282 -23.93 14.00 -3.97
N ILE A 283 -24.59 15.12 -4.20
CA ILE A 283 -24.35 16.30 -3.37
C ILE A 283 -24.76 16.02 -1.93
N GLU A 284 -24.05 16.64 -1.00
CA GLU A 284 -24.31 16.46 0.43
C GLU A 284 -24.33 17.84 1.07
N ILE A 285 -25.29 18.07 1.95
CA ILE A 285 -25.46 19.39 2.56
C ILE A 285 -25.18 19.37 4.05
N PHE A 286 -24.55 20.43 4.54
CA PHE A 286 -24.35 20.59 5.97
C PHE A 286 -24.23 22.07 6.31
N GLN A 287 -24.33 22.38 7.59
CA GLN A 287 -24.29 23.76 8.04
C GLN A 287 -23.34 23.93 9.22
N THR A 288 -22.41 24.86 9.11
CA THR A 288 -21.41 25.08 10.15
C THR A 288 -22.04 25.71 11.38
N LEU A 289 -21.47 25.44 12.55
CA LEU A 289 -22.01 26.00 13.79
C LEU A 289 -21.98 27.52 13.77
N PRO A 290 -22.86 28.14 14.58
CA PRO A 290 -22.95 29.59 14.70
C PRO A 290 -21.91 30.16 15.65
N VAL A 291 -21.60 31.45 15.47
CA VAL A 291 -20.90 32.20 16.49
C VAL A 291 -21.85 32.27 17.69
N ARG A 292 -21.28 32.15 18.88
CA ARG A 292 -22.09 32.15 20.09
C ARG A 292 -21.44 32.97 21.20
N GLU A 293 -22.08 33.00 22.36
CA GLU A 293 -21.53 33.64 23.54
C GLU A 293 -20.28 32.89 24.00
N PRO A 294 -19.44 33.54 24.82
CA PRO A 294 -18.23 32.86 25.28
C PRO A 294 -18.57 31.71 26.21
N SER A 295 -17.69 30.72 26.28
CA SER A 295 -17.82 29.65 27.26
C SER A 295 -17.52 30.19 28.67
N PRO A 296 -18.01 29.50 29.71
CA PRO A 296 -17.79 29.91 31.11
C PRO A 296 -16.31 30.12 31.44
N PRO A 297 -15.97 31.23 32.12
CA PRO A 297 -14.57 31.56 32.43
C PRO A 297 -13.96 30.54 33.37
N SER A 298 -12.63 30.49 33.38
CA SER A 298 -11.93 29.61 34.30
C SER A 298 -10.96 30.42 35.14
N ILE A 299 -11.08 30.31 36.46
CA ILE A 299 -10.30 31.14 37.34
C ILE A 299 -9.74 30.39 38.54
N HIS A 300 -8.64 30.91 39.06
CA HIS A 300 -8.13 30.50 40.37
C HIS A 300 -7.46 31.72 41.02
N GLY A 301 -7.14 31.62 42.30
CA GLY A 301 -6.71 32.80 43.02
C GLY A 301 -5.57 32.61 44.00
N GLN A 302 -5.19 33.72 44.62
CA GLN A 302 -4.15 33.73 45.64
C GLN A 302 -4.36 34.99 46.47
N PRO A 303 -3.78 35.01 47.68
CA PRO A 303 -3.86 36.18 48.54
C PRO A 303 -3.19 37.40 47.91
N SER A 304 -3.82 38.56 48.03
CA SER A 304 -3.23 39.83 47.65
C SER A 304 -3.43 40.81 48.78
N SER A 305 -2.33 41.36 49.31
CA SER A 305 -2.41 42.25 50.46
C SER A 305 -3.17 43.55 50.18
N GLY A 306 -3.84 44.06 51.21
CA GLY A 306 -3.87 43.41 52.50
C GLY A 306 -5.09 42.53 52.65
N LYS A 307 -6.24 43.15 52.88
CA LYS A 307 -7.50 42.42 52.96
C LYS A 307 -8.13 42.33 51.57
N SER A 308 -7.39 41.74 50.63
CA SER A 308 -7.85 41.58 49.26
C SER A 308 -7.41 40.22 48.69
N PHE A 309 -7.96 39.87 47.53
CA PHE A 309 -7.68 38.57 46.91
C PHE A 309 -7.60 38.75 45.41
N LYS A 310 -6.68 38.06 44.74
CA LYS A 310 -6.56 38.20 43.29
C LYS A 310 -6.95 36.98 42.48
N LEU A 311 -7.95 37.15 41.63
CA LEU A 311 -8.38 36.10 40.71
C LEU A 311 -7.61 36.21 39.40
N SER A 312 -7.06 35.10 38.94
CA SER A 312 -6.38 35.06 37.65
C SER A 312 -7.20 34.32 36.59
N ILE A 313 -7.26 34.91 35.40
CA ILE A 313 -8.04 34.35 34.33
C ILE A 313 -7.23 33.43 33.44
N THR A 314 -7.70 32.20 33.33
CA THR A 314 -7.13 31.23 32.41
C THR A 314 -7.98 31.23 31.13
N LYS A 315 -7.49 31.92 30.11
CA LYS A 315 -8.23 32.12 28.85
C LYS A 315 -9.04 30.89 28.43
N GLN A 316 -10.30 31.14 28.07
CA GLN A 316 -11.23 30.08 27.72
C GLN A 316 -11.88 30.37 26.36
N ASP A 317 -12.71 29.44 25.90
CA ASP A 317 -13.29 29.51 24.56
C ASP A 317 -14.05 30.82 24.27
N ASP A 318 -13.58 31.53 23.24
CA ASP A 318 -14.08 32.83 22.83
C ASP A 318 -15.52 32.78 22.29
N GLY A 319 -15.82 31.78 21.47
CA GLY A 319 -17.13 31.65 20.87
C GLY A 319 -17.26 32.29 19.49
N GLY A 320 -16.18 32.86 18.99
CA GLY A 320 -16.18 33.43 17.65
C GLY A 320 -16.21 34.95 17.60
N ALA A 321 -16.42 35.57 18.75
CA ALA A 321 -16.41 37.03 18.84
C ALA A 321 -15.62 37.42 20.08
N PRO A 322 -14.88 38.52 20.01
CA PRO A 322 -13.97 38.92 21.08
C PRO A 322 -14.67 39.08 22.43
N ILE A 323 -14.05 38.57 23.48
CA ILE A 323 -14.49 38.87 24.84
C ILE A 323 -14.12 40.31 25.09
N LEU A 324 -15.07 41.11 25.56
CA LEU A 324 -14.79 42.51 25.84
C LEU A 324 -15.08 42.91 27.28
N GLU A 325 -15.42 41.94 28.12
CA GLU A 325 -15.94 42.25 29.45
C GLU A 325 -16.08 41.02 30.35
N TYR A 326 -15.37 41.01 31.47
CA TYR A 326 -15.60 40.02 32.51
C TYR A 326 -16.42 40.61 33.65
N ILE A 327 -17.43 39.87 34.10
CA ILE A 327 -18.27 40.31 35.21
C ILE A 327 -18.11 39.43 36.44
N VAL A 328 -17.36 39.92 37.42
CA VAL A 328 -17.16 39.21 38.67
C VAL A 328 -18.11 39.69 39.76
N LYS A 329 -19.01 38.81 40.19
CA LYS A 329 -19.88 39.08 41.33
C LYS A 329 -19.49 38.18 42.48
N TYR A 330 -19.43 38.74 43.69
CA TYR A 330 -18.98 38.00 44.86
C TYR A 330 -19.67 38.43 46.15
N ARG A 331 -19.84 37.48 47.05
CA ARG A 331 -20.46 37.73 48.35
C ARG A 331 -19.82 36.86 49.42
N SER A 332 -20.48 36.79 50.57
CA SER A 332 -20.00 36.04 51.74
C SER A 332 -18.84 36.75 52.42
N GLN A 338 -26.12 38.80 50.57
CA GLN A 338 -26.35 39.47 49.29
C GLN A 338 -25.04 39.77 48.52
N TRP A 339 -25.15 39.93 47.21
CA TRP A 339 -23.98 40.01 46.33
C TRP A 339 -23.51 41.42 45.99
N LEU A 340 -22.33 41.47 45.35
CA LEU A 340 -21.77 42.70 44.83
C LEU A 340 -21.22 42.39 43.45
N GLU A 341 -21.32 43.35 42.54
CA GLU A 341 -20.84 43.15 41.18
C GLU A 341 -19.50 43.85 40.95
N LYS A 342 -18.94 43.61 39.78
CA LYS A 342 -17.70 44.27 39.36
C LYS A 342 -17.33 43.82 37.96
N LYS A 343 -16.99 44.77 37.10
CA LYS A 343 -16.69 44.46 35.71
C LYS A 343 -15.26 44.86 35.38
N VAL A 344 -14.60 44.08 34.51
CA VAL A 344 -13.26 44.41 34.04
C VAL A 344 -13.16 44.07 32.56
N GLN A 345 -12.12 44.55 31.90
CA GLN A 345 -12.05 44.48 30.43
C GLN A 345 -11.47 43.18 29.89
N GLY A 346 -11.88 42.83 28.68
CA GLY A 346 -11.52 41.56 28.05
C GLY A 346 -10.03 41.29 27.96
N ASN A 347 -9.26 42.32 27.62
CA ASN A 347 -7.81 42.17 27.48
C ASN A 347 -7.13 41.86 28.80
N LYS A 348 -7.88 41.97 29.90
CA LYS A 348 -7.31 41.85 31.24
C LYS A 348 -6.80 40.45 31.58
N ASP A 349 -5.91 40.39 32.56
CA ASP A 349 -5.19 39.18 32.93
C ASP A 349 -5.66 38.69 34.29
N HIS A 350 -6.26 39.58 35.06
CA HIS A 350 -6.65 39.26 36.42
C HIS A 350 -7.58 40.32 36.99
N ILE A 351 -8.14 40.02 38.16
CA ILE A 351 -9.06 40.92 38.82
C ILE A 351 -8.76 40.88 40.30
N ILE A 352 -8.68 42.06 40.91
CA ILE A 352 -8.41 42.14 42.33
C ILE A 352 -9.64 42.58 43.11
N LEU A 353 -10.18 41.66 43.90
CA LEU A 353 -11.26 41.97 44.82
C LEU A 353 -10.60 42.56 46.08
N GLU A 354 -11.24 43.58 46.66
CA GLU A 354 -10.65 44.29 47.78
C GLU A 354 -11.62 44.49 48.95
N HIS A 355 -11.09 44.94 50.08
CA HIS A 355 -11.89 45.19 51.28
C HIS A 355 -12.62 43.94 51.75
N LEU A 356 -11.87 42.94 52.16
CA LEU A 356 -12.44 41.69 52.64
C LEU A 356 -12.14 41.55 54.13
N GLN A 357 -12.67 40.49 54.73
CA GLN A 357 -12.39 40.21 56.13
C GLN A 357 -11.43 39.02 56.23
N TRP A 358 -10.56 39.03 57.23
CA TRP A 358 -9.65 37.90 57.46
C TRP A 358 -10.44 36.66 57.88
N THR A 359 -9.89 35.48 57.57
CA THR A 359 -10.46 34.21 58.00
C THR A 359 -11.85 33.95 57.39
N MET A 360 -12.23 34.76 56.41
CA MET A 360 -13.55 34.65 55.79
C MET A 360 -13.51 33.94 54.44
N GLY A 361 -14.60 33.26 54.09
CA GLY A 361 -14.72 32.57 52.84
C GLY A 361 -15.71 33.25 51.90
N TYR A 362 -15.38 33.28 50.61
CA TYR A 362 -16.17 34.03 49.64
C TYR A 362 -16.79 33.20 48.53
N GLU A 363 -17.93 33.67 48.04
CA GLU A 363 -18.64 33.05 46.93
C GLU A 363 -18.49 33.97 45.72
N VAL A 364 -18.14 33.39 44.57
CA VAL A 364 -17.83 34.19 43.39
C VAL A 364 -18.43 33.61 42.11
N GLN A 365 -18.93 34.48 41.25
CA GLN A 365 -19.42 34.07 39.93
C GLN A 365 -18.81 34.97 38.86
N ILE A 366 -18.24 34.35 37.82
CA ILE A 366 -17.59 35.09 36.74
C ILE A 366 -18.32 34.85 35.43
N THR A 367 -18.52 35.92 34.68
CA THR A 367 -19.13 35.82 33.37
C THR A 367 -18.23 36.51 32.35
N ALA A 368 -18.17 35.96 31.15
CA ALA A 368 -17.45 36.56 30.05
C ALA A 368 -18.49 37.03 29.02
N ALA A 369 -18.21 38.15 28.35
CA ALA A 369 -19.16 38.68 27.38
C ALA A 369 -18.50 38.99 26.04
N ASN A 370 -19.25 38.75 24.96
CA ASN A 370 -18.88 39.21 23.63
C ASN A 370 -20.06 39.89 22.96
N ARG A 371 -19.87 40.37 21.73
CA ARG A 371 -20.92 41.09 21.00
CA ARG A 371 -20.92 41.09 21.00
C ARG A 371 -22.23 40.31 20.93
N LEU A 372 -22.18 39.04 21.30
CA LEU A 372 -23.36 38.20 21.27
C LEU A 372 -24.07 38.09 22.61
N GLY A 373 -23.33 38.29 23.69
CA GLY A 373 -23.91 38.21 25.01
C GLY A 373 -23.01 37.60 26.09
N TYR A 374 -23.65 37.07 27.12
CA TYR A 374 -22.92 36.60 28.29
C TYR A 374 -22.84 35.09 28.32
N SER A 375 -21.79 34.61 28.96
CA SER A 375 -21.64 33.18 29.19
C SER A 375 -22.48 32.78 30.38
N GLU A 376 -22.63 31.49 30.58
CA GLU A 376 -23.13 31.00 31.83
C GLU A 376 -22.05 31.32 32.84
N PRO A 377 -22.43 31.71 34.06
CA PRO A 377 -21.48 32.10 35.12
C PRO A 377 -20.64 30.92 35.58
N THR A 378 -19.38 31.17 35.95
CA THR A 378 -18.54 30.13 36.55
C THR A 378 -18.43 30.35 38.04
N VAL A 379 -18.79 29.32 38.81
CA VAL A 379 -18.76 29.43 40.26
C VAL A 379 -17.38 29.15 40.83
N TYR A 380 -16.96 30.00 41.75
CA TYR A 380 -15.66 29.86 42.38
C TYR A 380 -15.73 30.40 43.80
N GLU A 381 -15.11 29.70 44.74
CA GLU A 381 -15.10 30.14 46.13
C GLU A 381 -13.70 30.01 46.70
N PHE A 382 -13.38 30.82 47.72
CA PHE A 382 -12.06 30.82 48.32
C PHE A 382 -12.09 31.19 49.79
N SER A 383 -11.02 30.85 50.51
CA SER A 383 -10.92 31.19 51.93
C SER A 383 -9.76 32.16 52.19
N MET A 384 -10.08 33.32 52.73
CA MET A 384 -9.07 34.28 53.12
C MET A 384 -8.27 33.76 54.30
N PRO A 385 -6.98 34.10 54.37
CA PRO A 385 -6.12 33.60 55.45
C PRO A 385 -6.45 34.30 56.76
N PRO A 386 -5.90 33.80 57.88
CA PRO A 386 -6.02 34.46 59.18
C PRO A 386 -5.32 35.83 59.18
N LYS A 387 -5.52 36.60 60.24
CA LYS A 387 -4.92 37.93 60.34
C LYS A 387 -3.43 37.84 60.69
N PRO A 388 -2.61 38.68 60.02
CA PRO A 388 -1.16 38.79 60.22
C PRO A 388 -0.83 39.63 61.46
N ASN A 389 0.34 39.40 62.05
CA ASN A 389 0.78 40.16 63.22
C ASN A 389 2.22 40.63 63.10
#